data_1XHK
#
_entry.id   1XHK
#
_cell.length_a   89.846
_cell.length_b   89.846
_cell.length_c   100.609
_cell.angle_alpha   90.00
_cell.angle_beta   90.00
_cell.angle_gamma   90.00
#
_symmetry.space_group_name_H-M   'P 42 21 2'
#
loop_
_entity.id
_entity.type
_entity.pdbx_description
1 polymer 'Putative protease La homolog'
2 non-polymer 'SULFATE ION'
3 non-polymer '2-(N-MORPHOLINO)-ETHANESULFONIC ACID'
4 water water
#
_entity_poly.entity_id   1
_entity_poly.type   'polypeptide(L)'
_entity_poly.pdbx_seq_one_letter_code
;H(MSE)EPKVGVIYGLAVLGAGGIGDVTKIIVQILESKNPGTHLLNISGDIAKHSITLASALSKKLVAEKKLPLPKKDID
LNNKEIYIQFSQSYSKIDGDSATAAVCLAIISALLDIPLKQDFAITGSLDLSGNVLAIGGVNEKIEAAKRYGFKRVIIPE
AN(MSE)IDVIETEGIEIIPVKTLDEIVPLVFDLD
;
_entity_poly.pdbx_strand_id   A,B
#
loop_
_chem_comp.id
_chem_comp.type
_chem_comp.name
_chem_comp.formula
MES non-polymer '2-(N-MORPHOLINO)-ETHANESULFONIC ACID' 'C6 H13 N O4 S'
SO4 non-polymer 'SULFATE ION' 'O4 S -2'
#
# COMPACT_ATOMS: atom_id res chain seq x y z
N GLU A 3 10.74 7.60 29.87
CA GLU A 3 10.83 6.60 28.78
C GLU A 3 10.13 7.11 27.51
N PRO A 4 8.82 7.41 27.59
CA PRO A 4 8.12 7.90 26.40
C PRO A 4 8.67 9.23 25.89
N LYS A 5 8.67 9.40 24.58
CA LYS A 5 9.18 10.62 23.98
C LYS A 5 8.19 11.15 22.96
N VAL A 6 8.10 12.47 22.87
CA VAL A 6 7.22 13.08 21.91
C VAL A 6 7.92 13.13 20.55
N GLY A 7 7.21 12.73 19.51
CA GLY A 7 7.76 12.78 18.16
C GLY A 7 8.92 11.85 17.82
N VAL A 8 9.12 10.80 18.59
CA VAL A 8 10.20 9.86 18.33
C VAL A 8 9.64 8.45 18.16
N ILE A 9 10.05 7.77 17.09
CA ILE A 9 9.56 6.43 16.83
C ILE A 9 10.60 5.65 16.04
N TYR A 10 10.49 4.34 16.05
CA TYR A 10 11.43 3.50 15.36
C TYR A 10 10.83 2.75 14.18
N GLY A 11 11.33 3.05 13.00
CA GLY A 11 10.85 2.40 11.80
C GLY A 11 11.81 1.28 11.46
N LEU A 12 11.54 0.55 10.38
CA LEU A 12 12.38 -0.57 9.98
C LEU A 12 12.59 -0.56 8.47
N ALA A 13 13.85 -0.44 8.05
CA ALA A 13 14.15 -0.41 6.62
C ALA A 13 14.95 -1.60 6.12
N VAL A 14 14.80 -1.91 4.83
CA VAL A 14 15.57 -2.99 4.20
C VAL A 14 16.24 -2.36 2.98
N LEU A 15 17.52 -2.65 2.80
CA LEU A 15 18.28 -2.09 1.69
C LEU A 15 18.77 -3.19 0.74
N GLY A 16 19.48 -2.79 -0.30
CA GLY A 16 20.00 -3.74 -1.26
C GLY A 16 19.02 -4.81 -1.68
N ALA A 17 19.52 -5.88 -2.29
CA ALA A 17 18.69 -6.98 -2.75
C ALA A 17 18.06 -7.74 -1.57
N GLY A 18 18.79 -7.84 -0.47
CA GLY A 18 18.27 -8.55 0.69
C GLY A 18 19.14 -8.41 1.92
N GLY A 19 18.79 -9.12 2.98
CA GLY A 19 19.56 -9.05 4.20
C GLY A 19 18.72 -8.42 5.30
N ILE A 20 19.04 -8.76 6.55
CA ILE A 20 18.31 -8.23 7.69
C ILE A 20 18.18 -6.71 7.61
N GLY A 21 17.07 -6.19 8.10
CA GLY A 21 16.85 -4.75 8.05
C GLY A 21 17.63 -3.92 9.05
N ASP A 22 17.36 -2.62 9.03
CA ASP A 22 17.98 -1.65 9.91
C ASP A 22 16.91 -0.88 10.66
N VAL A 23 17.07 -0.71 11.96
CA VAL A 23 16.11 0.07 12.72
C VAL A 23 16.41 1.52 12.35
N THR A 24 15.37 2.29 12.05
CA THR A 24 15.57 3.67 11.66
C THR A 24 14.87 4.61 12.63
N LYS A 25 15.66 5.33 13.42
CA LYS A 25 15.08 6.27 14.37
C LYS A 25 14.50 7.44 13.59
N ILE A 26 13.26 7.77 13.90
CA ILE A 26 12.58 8.85 13.23
C ILE A 26 12.22 9.91 14.27
N ILE A 27 12.59 11.15 13.99
CA ILE A 27 12.32 12.24 14.92
C ILE A 27 11.57 13.37 14.21
N VAL A 28 10.47 13.79 14.82
CA VAL A 28 9.68 14.87 14.26
C VAL A 28 9.51 15.97 15.30
N GLN A 29 9.70 17.20 14.88
CA GLN A 29 9.54 18.34 15.77
C GLN A 29 8.66 19.30 14.98
N ILE A 30 7.79 20.01 15.70
CA ILE A 30 6.89 20.95 15.06
C ILE A 30 6.81 22.24 15.86
N LEU A 31 6.98 23.37 15.17
CA LEU A 31 6.92 24.67 15.81
C LEU A 31 6.07 25.65 15.03
N GLU A 32 5.31 26.49 15.75
CA GLU A 32 4.48 27.50 15.11
C GLU A 32 5.42 28.48 14.40
N SER A 33 5.03 28.95 13.22
CA SER A 33 5.88 29.88 12.48
C SER A 33 5.16 30.70 11.43
N LYS A 34 5.63 31.92 11.21
CA LYS A 34 5.05 32.79 10.21
C LYS A 34 5.62 32.42 8.85
N ASN A 35 6.55 31.47 8.86
CA ASN A 35 7.19 30.97 7.65
C ASN A 35 7.09 29.46 7.66
N PRO A 36 5.87 28.92 7.64
CA PRO A 36 5.64 27.46 7.65
C PRO A 36 6.30 26.75 6.49
N GLY A 37 6.78 25.54 6.75
CA GLY A 37 7.43 24.76 5.71
C GLY A 37 7.99 23.51 6.35
N THR A 38 8.75 22.74 5.57
CA THR A 38 9.34 21.52 6.10
C THR A 38 10.86 21.51 5.96
N HIS A 39 11.49 20.78 6.85
CA HIS A 39 12.94 20.62 6.86
C HIS A 39 13.16 19.13 6.97
N LEU A 40 13.68 18.54 5.90
CA LEU A 40 13.89 17.10 5.84
C LEU A 40 15.33 16.62 5.91
N LEU A 41 15.52 15.52 6.62
CA LEU A 41 16.84 14.91 6.76
C LEU A 41 16.68 13.39 6.58
N ASN A 42 17.22 12.88 5.49
CA ASN A 42 17.15 11.44 5.16
C ASN A 42 15.75 10.89 4.88
N ILE A 43 14.80 11.77 4.55
CA ILE A 43 13.45 11.33 4.21
C ILE A 43 13.17 12.04 2.90
N SER A 44 12.65 11.30 1.92
CA SER A 44 12.36 11.89 0.62
C SER A 44 11.23 12.90 0.70
N GLY A 45 11.18 13.81 -0.26
CA GLY A 45 10.14 14.82 -0.26
C GLY A 45 8.76 14.22 -0.50
N ASP A 46 8.72 13.14 -1.26
CA ASP A 46 7.46 12.46 -1.56
C ASP A 46 6.85 11.83 -0.33
N ILE A 47 7.67 11.07 0.40
CA ILE A 47 7.19 10.42 1.62
C ILE A 47 6.83 11.45 2.68
N ALA A 48 7.64 12.49 2.79
CA ALA A 48 7.39 13.53 3.77
C ALA A 48 6.07 14.22 3.46
N LYS A 49 5.86 14.56 2.18
CA LYS A 49 4.63 15.23 1.79
C LYS A 49 3.40 14.36 2.04
N HIS A 50 3.48 13.11 1.61
CA HIS A 50 2.37 12.18 1.80
C HIS A 50 2.04 12.01 3.28
N SER A 51 3.08 11.85 4.09
CA SER A 51 2.91 11.67 5.53
C SER A 51 2.24 12.87 6.19
N ILE A 52 2.68 14.07 5.83
CA ILE A 52 2.09 15.28 6.40
C ILE A 52 0.60 15.36 6.06
N THR A 53 0.26 15.05 4.81
CA THR A 53 -1.13 15.10 4.39
C THR A 53 -1.92 14.06 5.20
N LEU A 54 -1.35 12.87 5.34
CA LEU A 54 -2.00 11.80 6.11
C LEU A 54 -2.19 12.20 7.57
N ALA A 55 -1.15 12.79 8.15
CA ALA A 55 -1.16 13.20 9.55
C ALA A 55 -2.17 14.32 9.80
N SER A 56 -2.26 15.25 8.87
CA SER A 56 -3.20 16.35 9.02
C SER A 56 -4.62 15.79 9.11
N ALA A 57 -4.95 14.90 8.19
CA ALA A 57 -6.28 14.30 8.15
C ALA A 57 -6.54 13.32 9.31
N LEU A 58 -5.61 12.40 9.55
CA LEU A 58 -5.79 11.40 10.60
C LEU A 58 -5.74 11.94 12.02
N SER A 59 -5.00 13.02 12.23
CA SER A 59 -4.93 13.61 13.56
C SER A 59 -6.34 14.13 13.90
N LYS A 60 -6.94 14.84 12.95
CA LYS A 60 -8.28 15.38 13.15
C LYS A 60 -9.30 14.26 13.31
N LYS A 61 -9.16 13.22 12.50
CA LYS A 61 -10.06 12.07 12.53
C LYS A 61 -10.01 11.35 13.88
N LEU A 62 -8.80 11.07 14.36
CA LEU A 62 -8.65 10.38 15.63
C LEU A 62 -9.26 11.18 16.78
N VAL A 63 -8.97 12.46 16.83
CA VAL A 63 -9.52 13.29 17.90
C VAL A 63 -11.06 13.35 17.78
N ALA A 64 -11.55 13.56 16.56
CA ALA A 64 -12.99 13.65 16.36
C ALA A 64 -13.71 12.33 16.64
N GLU A 65 -12.99 11.23 16.57
CA GLU A 65 -13.58 9.92 16.84
C GLU A 65 -13.24 9.45 18.25
N LYS A 66 -12.82 10.39 19.10
CA LYS A 66 -12.46 10.11 20.49
C LYS A 66 -11.33 9.10 20.68
N LYS A 67 -10.48 8.94 19.66
CA LYS A 67 -9.35 8.00 19.74
C LYS A 67 -8.11 8.63 20.37
N LEU A 68 -8.12 9.96 20.43
CA LEU A 68 -7.04 10.73 21.04
C LEU A 68 -7.77 11.88 21.71
N PRO A 69 -7.19 12.44 22.78
CA PRO A 69 -7.84 13.56 23.48
C PRO A 69 -7.85 14.85 22.67
N LEU A 70 -8.76 15.75 23.03
CA LEU A 70 -8.85 17.04 22.36
C LEU A 70 -7.54 17.77 22.61
N PRO A 71 -6.90 18.25 21.54
CA PRO A 71 -5.64 18.97 21.70
C PRO A 71 -5.85 20.29 22.42
N LYS A 72 -4.90 20.64 23.29
CA LYS A 72 -4.99 21.88 24.04
C LYS A 72 -4.35 23.02 23.25
N LYS A 73 -3.50 22.66 22.30
CA LYS A 73 -2.81 23.65 21.47
C LYS A 73 -3.36 23.70 20.05
N ASP A 74 -2.73 24.52 19.23
CA ASP A 74 -3.10 24.68 17.83
C ASP A 74 -2.71 23.39 17.13
N ILE A 75 -3.64 22.82 16.37
CA ILE A 75 -3.41 21.54 15.68
C ILE A 75 -3.25 21.66 14.17
N ASP A 76 -3.13 22.89 13.67
CA ASP A 76 -2.97 23.13 12.24
C ASP A 76 -1.52 22.94 11.80
N LEU A 77 -1.30 22.14 10.76
CA LEU A 77 0.05 21.89 10.25
C LEU A 77 0.49 22.92 9.21
N ASN A 78 -0.47 23.55 8.55
CA ASN A 78 -0.19 24.55 7.54
C ASN A 78 0.44 25.81 8.08
N ASN A 79 0.36 26.01 9.40
CA ASN A 79 0.94 27.22 9.98
C ASN A 79 2.16 26.94 10.84
N LYS A 80 2.96 25.96 10.43
CA LYS A 80 4.16 25.65 11.19
C LYS A 80 5.28 25.03 10.39
N GLU A 81 6.47 25.01 10.97
CA GLU A 81 7.62 24.42 10.33
C GLU A 81 7.77 23.03 10.91
N ILE A 82 7.82 22.04 10.02
CA ILE A 82 7.91 20.65 10.41
C ILE A 82 9.32 20.11 10.16
N TYR A 83 9.91 19.52 11.18
CA TYR A 83 11.24 18.95 11.06
C TYR A 83 11.16 17.43 11.14
N ILE A 84 11.58 16.74 10.09
CA ILE A 84 11.55 15.30 10.09
C ILE A 84 12.92 14.74 9.73
N GLN A 85 13.49 13.93 10.61
CA GLN A 85 14.79 13.35 10.34
C GLN A 85 14.81 11.84 10.59
N PHE A 86 15.49 11.13 9.68
CA PHE A 86 15.63 9.69 9.77
C PHE A 86 17.10 9.38 10.08
N SER A 87 17.36 8.30 10.81
CA SER A 87 18.74 7.93 11.12
C SER A 87 19.46 7.55 9.82
N GLN A 88 18.71 7.09 8.84
CA GLN A 88 19.27 6.71 7.54
C GLN A 88 18.13 6.77 6.52
N SER A 89 18.48 6.98 5.26
CA SER A 89 17.49 7.05 4.19
C SER A 89 16.98 5.66 3.86
N TYR A 90 15.74 5.60 3.38
CA TYR A 90 15.12 4.34 2.97
C TYR A 90 15.34 4.25 1.46
N SER A 91 15.21 3.04 0.91
CA SER A 91 15.36 2.90 -0.53
C SER A 91 14.08 3.48 -1.12
N LYS A 92 14.12 3.82 -2.40
CA LYS A 92 12.97 4.38 -3.07
C LYS A 92 11.79 3.42 -3.03
N ILE A 93 12.06 2.13 -3.24
CA ILE A 93 10.98 1.15 -3.25
C ILE A 93 10.50 0.68 -1.87
N ASP A 94 11.28 0.88 -0.84
CA ASP A 94 10.86 0.47 0.50
C ASP A 94 10.37 1.67 1.32
N GLY A 95 10.62 2.87 0.80
CA GLY A 95 10.25 4.10 1.48
C GLY A 95 8.83 4.23 2.00
N ASP A 96 7.86 3.76 1.22
CA ASP A 96 6.46 3.85 1.61
C ASP A 96 6.18 3.13 2.91
N SER A 97 6.99 2.12 3.24
CA SER A 97 6.76 1.34 4.46
C SER A 97 7.00 2.11 5.75
N ALA A 98 7.51 3.33 5.64
CA ALA A 98 7.78 4.15 6.83
C ALA A 98 6.65 5.13 7.10
N THR A 99 5.68 5.19 6.20
CA THR A 99 4.58 6.13 6.33
C THR A 99 3.82 6.10 7.66
N ALA A 100 3.47 4.91 8.15
CA ALA A 100 2.73 4.84 9.40
C ALA A 100 3.55 5.51 10.52
N ALA A 101 4.83 5.11 10.61
CA ALA A 101 5.74 5.67 11.61
C ALA A 101 5.82 7.19 11.54
N VAL A 102 6.11 7.71 10.36
CA VAL A 102 6.21 9.16 10.22
C VAL A 102 4.90 9.82 10.64
N CYS A 103 3.78 9.29 10.15
CA CYS A 103 2.48 9.84 10.50
C CYS A 103 2.30 9.85 12.02
N LEU A 104 2.61 8.73 12.67
CA LEU A 104 2.48 8.66 14.12
C LEU A 104 3.37 9.69 14.81
N ALA A 105 4.60 9.81 14.35
CA ALA A 105 5.52 10.77 14.96
C ALA A 105 5.02 12.20 14.79
N ILE A 106 4.43 12.51 13.64
CA ILE A 106 3.89 13.85 13.37
C ILE A 106 2.71 14.12 14.30
N ILE A 107 1.81 13.16 14.41
CA ILE A 107 0.65 13.30 15.27
C ILE A 107 1.14 13.49 16.71
N SER A 108 2.17 12.74 17.08
CA SER A 108 2.73 12.82 18.42
C SER A 108 3.23 14.24 18.70
N ALA A 109 4.06 14.78 17.82
CA ALA A 109 4.60 16.11 17.99
C ALA A 109 3.53 17.18 17.92
N LEU A 110 2.61 17.02 16.98
CA LEU A 110 1.52 17.98 16.79
C LEU A 110 0.60 18.09 18.00
N LEU A 111 0.23 16.94 18.58
CA LEU A 111 -0.66 16.92 19.73
C LEU A 111 0.08 16.88 21.05
N ASP A 112 1.41 16.88 20.97
CA ASP A 112 2.26 16.85 22.17
C ASP A 112 1.94 15.66 23.08
N ILE A 113 1.77 14.49 22.48
CA ILE A 113 1.48 13.28 23.24
C ILE A 113 2.67 12.34 23.07
N PRO A 114 3.38 12.03 24.17
CA PRO A 114 4.54 11.14 24.09
C PRO A 114 4.21 9.75 23.56
N LEU A 115 5.17 9.19 22.83
CA LEU A 115 5.07 7.87 22.22
C LEU A 115 5.90 6.88 23.03
N LYS A 116 5.35 5.70 23.29
CA LYS A 116 6.09 4.68 24.01
C LYS A 116 7.32 4.38 23.17
N GLN A 117 8.40 3.96 23.81
CA GLN A 117 9.64 3.70 23.09
C GLN A 117 10.06 2.23 23.13
N ASP A 118 9.09 1.34 23.30
CA ASP A 118 9.37 -0.08 23.40
C ASP A 118 8.94 -0.93 22.21
N PHE A 119 8.76 -0.31 21.05
CA PHE A 119 8.33 -1.06 19.87
C PHE A 119 8.95 -0.47 18.61
N ALA A 120 8.91 -1.25 17.53
CA ALA A 120 9.39 -0.78 16.23
C ALA A 120 8.20 -1.08 15.33
N ILE A 121 8.04 -0.31 14.26
CA ILE A 121 6.88 -0.53 13.40
C ILE A 121 7.21 -0.42 11.91
N THR A 122 6.39 -1.07 11.10
CA THR A 122 6.53 -1.01 9.66
C THR A 122 5.14 -1.08 9.07
N GLY A 123 4.91 -0.31 8.00
CA GLY A 123 3.62 -0.29 7.37
C GLY A 123 3.26 1.08 6.83
N SER A 124 2.37 1.11 5.85
CA SER A 124 1.94 2.38 5.28
C SER A 124 0.51 2.63 5.74
N LEU A 125 -0.06 3.76 5.34
CA LEU A 125 -1.42 4.11 5.73
C LEU A 125 -2.12 4.80 4.59
N ASP A 126 -3.45 4.70 4.54
CA ASP A 126 -4.20 5.43 3.53
C ASP A 126 -5.00 6.47 4.32
N LEU A 127 -5.66 7.40 3.62
CA LEU A 127 -6.42 8.43 4.31
C LEU A 127 -7.53 7.87 5.22
N SER A 128 -7.99 6.66 4.93
CA SER A 128 -9.04 6.06 5.75
C SER A 128 -8.52 5.48 7.06
N GLY A 129 -7.21 5.44 7.21
CA GLY A 129 -6.64 4.91 8.44
C GLY A 129 -6.28 3.44 8.37
N ASN A 130 -6.37 2.85 7.19
CA ASN A 130 -6.03 1.43 7.01
C ASN A 130 -4.52 1.26 6.99
N VAL A 131 -4.03 0.20 7.62
CA VAL A 131 -2.60 -0.06 7.62
C VAL A 131 -2.33 -0.91 6.40
N LEU A 132 -1.47 -0.41 5.52
CA LEU A 132 -1.15 -1.09 4.27
C LEU A 132 0.09 -1.98 4.30
N ALA A 133 0.02 -3.05 3.51
CA ALA A 133 1.09 -4.02 3.38
C ALA A 133 2.45 -3.43 3.04
N ILE A 134 3.50 -4.14 3.44
CA ILE A 134 4.86 -3.69 3.17
C ILE A 134 5.71 -4.88 2.69
N GLY A 135 6.96 -4.61 2.33
CA GLY A 135 7.82 -5.69 1.88
C GLY A 135 8.92 -5.95 2.89
N GLY A 136 9.47 -7.16 2.85
CA GLY A 136 10.55 -7.54 3.75
C GLY A 136 10.20 -7.56 5.23
N VAL A 137 9.00 -8.03 5.56
CA VAL A 137 8.59 -8.05 6.96
C VAL A 137 9.50 -8.94 7.83
N ASN A 138 9.96 -10.06 7.29
CA ASN A 138 10.81 -10.95 8.06
C ASN A 138 12.13 -10.30 8.42
N GLU A 139 12.70 -9.58 7.45
CA GLU A 139 13.97 -8.89 7.66
C GLU A 139 13.80 -7.78 8.67
N LYS A 140 12.64 -7.13 8.62
CA LYS A 140 12.33 -6.03 9.52
C LYS A 140 12.08 -6.54 10.95
N ILE A 141 11.33 -7.62 11.08
CA ILE A 141 11.07 -8.18 12.41
C ILE A 141 12.40 -8.57 13.05
N GLU A 142 13.30 -9.12 12.23
CA GLU A 142 14.62 -9.55 12.71
C GLU A 142 15.38 -8.36 13.26
N ALA A 143 15.38 -7.26 12.52
CA ALA A 143 16.07 -6.05 12.92
C ALA A 143 15.52 -5.59 14.26
N ALA A 144 14.21 -5.59 14.39
CA ALA A 144 13.57 -5.16 15.63
C ALA A 144 14.07 -6.00 16.80
N LYS A 145 14.02 -7.31 16.62
CA LYS A 145 14.44 -8.23 17.66
C LYS A 145 15.89 -7.97 18.07
N ARG A 146 16.77 -7.95 17.08
CA ARG A 146 18.18 -7.72 17.35
C ARG A 146 18.47 -6.39 18.01
N TYR A 147 17.62 -5.39 17.75
CA TYR A 147 17.81 -4.08 18.35
C TYR A 147 17.36 -4.12 19.81
N GLY A 148 16.71 -5.21 20.19
CA GLY A 148 16.24 -5.37 21.56
C GLY A 148 14.79 -5.04 21.81
N PHE A 149 14.05 -4.70 20.77
CA PHE A 149 12.63 -4.38 20.95
C PHE A 149 11.79 -5.55 21.44
N LYS A 150 10.94 -5.26 22.41
CA LYS A 150 10.04 -6.26 23.00
C LYS A 150 8.93 -6.66 22.03
N ARG A 151 8.52 -5.73 21.19
CA ARG A 151 7.45 -6.01 20.24
C ARG A 151 7.63 -5.21 18.96
N VAL A 152 7.03 -5.73 17.90
CA VAL A 152 7.10 -5.07 16.61
C VAL A 152 5.71 -5.12 16.00
N ILE A 153 5.27 -3.99 15.45
CA ILE A 153 3.96 -3.85 14.83
C ILE A 153 4.09 -3.97 13.32
N ILE A 154 3.26 -4.80 12.71
CA ILE A 154 3.28 -5.01 11.26
C ILE A 154 1.86 -5.01 10.68
N PRO A 155 1.74 -4.89 9.34
CA PRO A 155 0.42 -4.90 8.72
C PRO A 155 -0.17 -6.31 8.77
N GLU A 156 -1.45 -6.40 9.10
CA GLU A 156 -2.11 -7.70 9.17
C GLU A 156 -1.99 -8.42 7.83
N ALA A 157 -1.97 -7.65 6.75
CA ALA A 157 -1.85 -8.22 5.42
C ALA A 157 -0.55 -8.99 5.28
N ASN A 158 0.43 -8.69 6.13
CA ASN A 158 1.71 -9.37 6.07
C ASN A 158 1.90 -10.53 7.07
N MSE A 159 0.92 -10.76 7.93
CA MSE A 159 1.05 -11.86 8.89
C MSE A 159 1.39 -13.17 8.17
O MSE A 159 2.23 -13.95 8.63
CB MSE A 159 -0.24 -12.04 9.69
CG MSE A 159 -0.22 -11.42 11.09
SE MSE A 159 1.21 -12.08 12.27
CE MSE A 159 1.14 -13.95 11.82
N ILE A 160 0.75 -13.39 7.03
CA ILE A 160 0.98 -14.61 6.25
C ILE A 160 2.44 -14.78 5.81
N ASP A 161 3.14 -13.66 5.65
CA ASP A 161 4.55 -13.71 5.22
C ASP A 161 5.51 -14.06 6.35
N VAL A 162 5.09 -13.79 7.58
CA VAL A 162 5.91 -14.03 8.74
C VAL A 162 6.38 -15.47 8.93
N ILE A 163 7.69 -15.65 8.85
CA ILE A 163 8.30 -16.96 9.05
C ILE A 163 8.42 -17.06 10.56
N GLU A 164 7.95 -18.16 11.12
CA GLU A 164 7.98 -18.36 12.56
C GLU A 164 9.26 -17.84 13.20
N THR A 165 9.11 -17.07 14.28
CA THR A 165 10.26 -16.55 14.98
C THR A 165 9.96 -16.46 16.47
N GLU A 166 11.01 -16.37 17.28
CA GLU A 166 10.86 -16.30 18.72
C GLU A 166 11.62 -15.12 19.26
N GLY A 167 11.39 -14.79 20.52
CA GLY A 167 12.09 -13.68 21.13
C GLY A 167 11.50 -12.29 20.96
N ILE A 168 10.36 -12.18 20.28
CA ILE A 168 9.75 -10.87 20.10
C ILE A 168 8.25 -10.98 19.80
N GLU A 169 7.48 -10.06 20.38
CA GLU A 169 6.03 -10.06 20.18
C GLU A 169 5.69 -9.39 18.85
N ILE A 170 5.10 -10.16 17.95
CA ILE A 170 4.71 -9.68 16.64
C ILE A 170 3.22 -9.31 16.71
N ILE A 171 2.93 -8.03 16.51
CA ILE A 171 1.57 -7.51 16.62
C ILE A 171 0.99 -7.01 15.30
N PRO A 172 0.16 -7.83 14.63
CA PRO A 172 -0.42 -7.39 13.36
C PRO A 172 -1.56 -6.40 13.60
N VAL A 173 -1.65 -5.37 12.77
CA VAL A 173 -2.71 -4.36 12.89
C VAL A 173 -3.31 -4.05 11.52
N LYS A 174 -4.59 -3.75 11.51
CA LYS A 174 -5.29 -3.44 10.27
C LYS A 174 -5.59 -1.94 10.13
N THR A 175 -5.64 -1.23 11.25
CA THR A 175 -5.94 0.20 11.23
C THR A 175 -5.14 1.02 12.24
N LEU A 176 -5.10 2.34 12.00
CA LEU A 176 -4.41 3.25 12.88
C LEU A 176 -5.08 3.22 14.26
N ASP A 177 -6.39 3.01 14.28
CA ASP A 177 -7.11 2.95 15.56
C ASP A 177 -6.53 1.89 16.50
N GLU A 178 -6.23 0.72 15.96
CA GLU A 178 -5.67 -0.37 16.76
C GLU A 178 -4.30 0.00 17.27
N ILE A 179 -3.57 0.75 16.46
CA ILE A 179 -2.22 1.17 16.81
C ILE A 179 -2.13 2.17 17.96
N VAL A 180 -2.95 3.21 17.89
CA VAL A 180 -2.95 4.28 18.89
C VAL A 180 -2.80 3.89 20.36
N PRO A 181 -3.69 3.03 20.88
CA PRO A 181 -3.55 2.65 22.29
C PRO A 181 -2.30 1.82 22.58
N LEU A 182 -1.79 1.17 21.55
CA LEU A 182 -0.60 0.35 21.70
C LEU A 182 0.70 1.17 21.70
N VAL A 183 0.69 2.36 21.12
CA VAL A 183 1.90 3.16 21.04
C VAL A 183 1.94 4.50 21.76
N PHE A 184 0.79 5.12 22.01
CA PHE A 184 0.79 6.40 22.70
C PHE A 184 0.74 6.21 24.21
N ASP A 185 1.34 7.14 24.93
CA ASP A 185 1.34 7.10 26.39
C ASP A 185 0.29 8.11 26.80
N LEU A 186 -0.93 7.62 27.01
CA LEU A 186 -2.06 8.47 27.37
C LEU A 186 -2.19 8.67 28.88
N ASP A 187 -1.52 7.82 29.64
CA ASP A 187 -1.54 7.90 31.10
C ASP A 187 -0.77 9.12 31.60
N HIS B 1 -4.50 -20.42 -21.87
CA HIS B 1 -3.50 -20.26 -22.96
C HIS B 1 -4.18 -19.60 -24.16
N MSE B 2 -4.83 -18.46 -23.91
CA MSE B 2 -5.55 -17.75 -24.97
C MSE B 2 -4.88 -16.48 -25.49
O MSE B 2 -3.71 -16.21 -25.19
CB MSE B 2 -6.97 -17.40 -24.49
CG MSE B 2 -7.02 -16.51 -23.25
SE MSE B 2 -7.42 -17.44 -21.58
CE MSE B 2 -8.27 -16.02 -20.59
N GLU B 3 -5.64 -15.71 -26.25
CA GLU B 3 -5.18 -14.45 -26.83
C GLU B 3 -5.70 -13.32 -25.95
N PRO B 4 -5.19 -12.09 -26.12
CA PRO B 4 -5.64 -10.96 -25.30
C PRO B 4 -7.14 -10.73 -25.28
N LYS B 5 -7.64 -10.28 -24.14
CA LYS B 5 -9.06 -10.00 -23.96
C LYS B 5 -9.21 -8.65 -23.29
N VAL B 6 -10.29 -7.94 -23.59
CA VAL B 6 -10.53 -6.64 -22.98
C VAL B 6 -11.31 -6.78 -21.67
N GLY B 7 -10.82 -6.12 -20.64
CA GLY B 7 -11.50 -6.15 -19.35
C GLY B 7 -11.39 -7.42 -18.54
N VAL B 8 -10.53 -8.34 -18.96
CA VAL B 8 -10.34 -9.61 -18.24
C VAL B 8 -8.89 -9.73 -17.78
N ILE B 9 -8.70 -10.07 -16.51
CA ILE B 9 -7.36 -10.19 -15.96
C ILE B 9 -7.35 -11.19 -14.81
N TYR B 10 -6.18 -11.75 -14.54
CA TYR B 10 -6.05 -12.74 -13.47
C TYR B 10 -5.28 -12.22 -12.27
N GLY B 11 -5.97 -12.16 -11.13
CA GLY B 11 -5.36 -11.73 -9.89
C GLY B 11 -4.90 -12.94 -9.12
N LEU B 12 -4.27 -12.70 -7.97
CA LEU B 12 -3.76 -13.78 -7.14
C LEU B 12 -4.19 -13.49 -5.70
N ALA B 13 -4.86 -14.45 -5.07
CA ALA B 13 -5.31 -14.25 -3.69
C ALA B 13 -4.87 -15.36 -2.74
N VAL B 14 -4.91 -15.05 -1.45
CA VAL B 14 -4.59 -16.04 -0.41
C VAL B 14 -5.90 -16.16 0.34
N LEU B 15 -6.47 -17.36 0.31
CA LEU B 15 -7.77 -17.60 0.91
C LEU B 15 -7.79 -18.39 2.22
N GLY B 16 -8.82 -18.11 3.02
CA GLY B 16 -8.99 -18.81 4.29
C GLY B 16 -7.94 -18.53 5.34
N ALA B 17 -8.17 -19.05 6.54
CA ALA B 17 -7.24 -18.87 7.65
C ALA B 17 -5.87 -19.44 7.29
N GLY B 18 -5.86 -20.50 6.48
CA GLY B 18 -4.62 -21.11 6.08
C GLY B 18 -3.84 -20.32 5.04
N GLY B 19 -4.46 -19.28 4.49
CA GLY B 19 -3.78 -18.48 3.49
C GLY B 19 -3.35 -19.32 2.30
N ILE B 20 -4.33 -19.93 1.63
CA ILE B 20 -4.05 -20.76 0.47
C ILE B 20 -4.03 -19.90 -0.80
N GLY B 21 -2.94 -19.96 -1.53
CA GLY B 21 -2.83 -19.18 -2.75
C GLY B 21 -3.68 -19.76 -3.87
N ASP B 22 -4.30 -18.89 -4.65
CA ASP B 22 -5.14 -19.33 -5.76
C ASP B 22 -5.31 -18.19 -6.76
N VAL B 23 -5.58 -18.55 -8.01
CA VAL B 23 -5.79 -17.57 -9.06
C VAL B 23 -7.25 -17.15 -9.05
N THR B 24 -7.50 -15.88 -9.34
CA THR B 24 -8.87 -15.38 -9.40
C THR B 24 -9.07 -14.61 -10.71
N LYS B 25 -10.12 -14.97 -11.44
CA LYS B 25 -10.42 -14.32 -12.71
C LYS B 25 -11.22 -13.05 -12.45
N ILE B 26 -10.77 -11.94 -13.03
CA ILE B 26 -11.43 -10.66 -12.85
C ILE B 26 -11.90 -10.14 -14.20
N ILE B 27 -13.17 -9.75 -14.25
CA ILE B 27 -13.79 -9.24 -15.47
C ILE B 27 -14.46 -7.91 -15.20
N VAL B 28 -14.12 -6.90 -16.00
CA VAL B 28 -14.71 -5.57 -15.86
C VAL B 28 -15.37 -5.16 -17.17
N GLN B 29 -16.60 -4.68 -17.06
CA GLN B 29 -17.36 -4.23 -18.23
C GLN B 29 -17.86 -2.83 -17.92
N ILE B 30 -17.80 -1.95 -18.91
CA ILE B 30 -18.24 -0.57 -18.70
C ILE B 30 -19.13 -0.11 -19.83
N LEU B 31 -20.26 0.52 -19.48
CA LEU B 31 -21.20 1.01 -20.48
C LEU B 31 -21.69 2.41 -20.15
N GLU B 32 -21.75 3.28 -21.16
CA GLU B 32 -22.26 4.64 -20.95
C GLU B 32 -23.67 4.50 -20.40
N SER B 33 -24.08 5.41 -19.53
CA SER B 33 -25.41 5.32 -18.96
C SER B 33 -25.94 6.58 -18.30
N LYS B 34 -27.26 6.73 -18.29
CA LYS B 34 -27.91 7.88 -17.68
C LYS B 34 -28.13 7.57 -16.20
N ASN B 35 -27.92 6.30 -15.84
CA ASN B 35 -28.07 5.81 -14.47
C ASN B 35 -26.72 5.25 -14.04
N PRO B 36 -25.70 6.11 -13.93
CA PRO B 36 -24.37 5.65 -13.53
C PRO B 36 -24.36 4.97 -12.17
N GLY B 37 -23.39 4.08 -11.98
CA GLY B 37 -23.27 3.36 -10.73
C GLY B 37 -22.38 2.17 -10.93
N THR B 38 -22.27 1.32 -9.91
CA THR B 38 -21.45 0.13 -10.02
C THR B 38 -22.27 -1.09 -9.64
N HIS B 39 -21.86 -2.22 -10.19
CA HIS B 39 -22.51 -3.51 -9.92
C HIS B 39 -21.35 -4.44 -9.60
N LEU B 40 -21.23 -4.81 -8.33
CA LEU B 40 -20.14 -5.64 -7.88
C LEU B 40 -20.53 -7.06 -7.52
N LEU B 41 -19.73 -8.00 -8.01
CA LEU B 41 -19.93 -9.42 -7.74
C LEU B 41 -18.61 -9.98 -7.20
N ASN B 42 -18.61 -10.32 -5.91
CA ASN B 42 -17.43 -10.88 -5.25
C ASN B 42 -16.28 -9.88 -5.06
N ILE B 43 -16.64 -8.61 -4.90
CA ILE B 43 -15.67 -7.55 -4.66
C ILE B 43 -16.35 -6.52 -3.77
N SER B 44 -15.75 -6.21 -2.63
CA SER B 44 -16.31 -5.27 -1.68
C SER B 44 -16.46 -3.87 -2.26
N GLY B 45 -17.35 -3.09 -1.65
CA GLY B 45 -17.56 -1.72 -2.10
C GLY B 45 -16.31 -0.89 -1.95
N ASP B 46 -15.61 -1.07 -0.84
CA ASP B 46 -14.37 -0.33 -0.58
C ASP B 46 -13.29 -0.59 -1.62
N ILE B 47 -13.02 -1.85 -1.92
CA ILE B 47 -12.00 -2.19 -2.91
C ILE B 47 -12.40 -1.61 -4.27
N ALA B 48 -13.69 -1.74 -4.60
CA ALA B 48 -14.22 -1.25 -5.85
C ALA B 48 -14.11 0.27 -5.95
N LYS B 49 -14.58 0.97 -4.94
CA LYS B 49 -14.52 2.43 -4.95
C LYS B 49 -13.10 2.94 -5.10
N HIS B 50 -12.17 2.39 -4.31
CA HIS B 50 -10.79 2.81 -4.39
C HIS B 50 -10.19 2.50 -5.75
N SER B 51 -10.49 1.33 -6.28
CA SER B 51 -9.95 0.96 -7.59
C SER B 51 -10.43 1.91 -8.67
N ILE B 52 -11.67 2.37 -8.54
CA ILE B 52 -12.27 3.28 -9.52
C ILE B 52 -11.65 4.67 -9.41
N THR B 53 -11.47 5.14 -8.19
CA THR B 53 -10.85 6.44 -7.95
C THR B 53 -9.45 6.42 -8.57
N LEU B 54 -8.73 5.33 -8.40
CA LEU B 54 -7.38 5.19 -8.94
C LEU B 54 -7.36 5.10 -10.47
N ALA B 55 -8.25 4.28 -11.03
CA ALA B 55 -8.33 4.11 -12.47
C ALA B 55 -8.72 5.42 -13.13
N SER B 56 -9.58 6.18 -12.46
CA SER B 56 -10.04 7.46 -12.98
C SER B 56 -8.83 8.39 -13.18
N ALA B 57 -8.02 8.53 -12.14
CA ALA B 57 -6.84 9.39 -12.18
C ALA B 57 -5.75 8.85 -13.09
N LEU B 58 -5.36 7.60 -12.86
CA LEU B 58 -4.29 7.00 -13.64
C LEU B 58 -4.60 6.83 -15.12
N SER B 59 -5.86 6.58 -15.47
CA SER B 59 -6.19 6.44 -16.89
C SER B 59 -5.92 7.77 -17.58
N LYS B 60 -6.41 8.84 -17.00
CA LYS B 60 -6.20 10.17 -17.55
C LYS B 60 -4.72 10.52 -17.59
N LYS B 61 -3.98 10.14 -16.55
CA LYS B 61 -2.56 10.43 -16.49
C LYS B 61 -1.74 9.77 -17.59
N LEU B 62 -1.85 8.45 -17.73
CA LEU B 62 -1.07 7.75 -18.75
C LEU B 62 -1.44 8.13 -20.17
N VAL B 63 -2.72 8.41 -20.40
CA VAL B 63 -3.17 8.81 -21.72
C VAL B 63 -2.58 10.19 -22.05
N ALA B 64 -2.68 11.11 -21.09
CA ALA B 64 -2.16 12.47 -21.27
C ALA B 64 -0.65 12.46 -21.47
N GLU B 65 0.01 11.48 -20.87
CA GLU B 65 1.46 11.37 -20.98
C GLU B 65 1.85 10.50 -22.16
N LYS B 66 0.86 10.08 -22.94
CA LYS B 66 1.10 9.26 -24.12
C LYS B 66 1.73 7.90 -23.82
N LYS B 67 1.35 7.32 -22.69
CA LYS B 67 1.85 6.01 -22.30
C LYS B 67 0.78 4.99 -22.64
N LEU B 68 -0.42 5.51 -22.89
CA LEU B 68 -1.58 4.72 -23.29
C LEU B 68 -2.29 5.52 -24.37
N PRO B 69 -2.85 4.85 -25.37
CA PRO B 69 -3.56 5.55 -26.46
C PRO B 69 -4.84 6.23 -26.00
N LEU B 70 -5.28 7.23 -26.75
CA LEU B 70 -6.52 7.93 -26.43
C LEU B 70 -7.68 6.96 -26.59
N PRO B 71 -8.62 6.94 -25.64
CA PRO B 71 -9.73 6.00 -25.79
C PRO B 71 -10.67 6.46 -26.89
N LYS B 72 -11.39 5.51 -27.49
CA LYS B 72 -12.33 5.84 -28.54
C LYS B 72 -13.57 6.36 -27.82
N LYS B 73 -13.92 5.70 -26.72
CA LYS B 73 -15.07 6.12 -25.93
C LYS B 73 -14.69 7.22 -24.94
N ASP B 74 -15.68 7.74 -24.24
CA ASP B 74 -15.47 8.79 -23.25
C ASP B 74 -14.72 8.17 -22.07
N ILE B 75 -13.55 8.71 -21.74
CA ILE B 75 -12.73 8.17 -20.65
C ILE B 75 -13.28 8.43 -19.24
N ASP B 76 -14.31 9.26 -19.14
CA ASP B 76 -14.90 9.56 -17.84
C ASP B 76 -15.59 8.32 -17.28
N LEU B 77 -15.42 8.07 -15.99
CA LEU B 77 -16.02 6.91 -15.34
C LEU B 77 -17.26 7.25 -14.54
N ASN B 78 -17.50 8.55 -14.32
CA ASN B 78 -18.65 8.99 -13.55
C ASN B 78 -19.95 8.98 -14.35
N ASN B 79 -19.84 8.76 -15.65
CA ASN B 79 -21.04 8.75 -16.49
C ASN B 79 -21.37 7.36 -17.04
N LYS B 80 -21.08 6.33 -16.26
CA LYS B 80 -21.39 5.00 -16.74
C LYS B 80 -21.58 3.98 -15.65
N GLU B 81 -22.10 2.82 -16.05
CA GLU B 81 -22.31 1.73 -15.12
C GLU B 81 -21.12 0.80 -15.29
N ILE B 82 -20.46 0.53 -14.17
CA ILE B 82 -19.28 -0.31 -14.17
C ILE B 82 -19.59 -1.65 -13.51
N TYR B 83 -19.31 -2.72 -14.23
CA TYR B 83 -19.56 -4.06 -13.72
C TYR B 83 -18.25 -4.76 -13.42
N ILE B 84 -18.05 -5.08 -12.15
CA ILE B 84 -16.84 -5.77 -11.72
C ILE B 84 -17.19 -7.06 -11.02
N GLN B 85 -16.65 -8.17 -11.51
CA GLN B 85 -16.91 -9.45 -10.88
C GLN B 85 -15.64 -10.26 -10.67
N PHE B 86 -15.56 -10.93 -9.52
CA PHE B 86 -14.42 -11.77 -9.18
C PHE B 86 -14.95 -13.20 -9.16
N SER B 87 -14.18 -14.14 -9.69
CA SER B 87 -14.62 -15.53 -9.68
C SER B 87 -14.80 -15.97 -8.23
N GLN B 88 -14.07 -15.34 -7.32
CA GLN B 88 -14.17 -15.64 -5.90
C GLN B 88 -13.69 -14.41 -5.11
N SER B 89 -14.27 -14.20 -3.93
CA SER B 89 -13.90 -13.04 -3.10
C SER B 89 -12.54 -13.20 -2.47
N TYR B 90 -11.83 -12.09 -2.31
CA TYR B 90 -10.52 -12.07 -1.65
C TYR B 90 -10.87 -11.97 -0.17
N SER B 91 -9.92 -12.29 0.70
CA SER B 91 -10.19 -12.19 2.13
C SER B 91 -10.22 -10.69 2.41
N LYS B 92 -10.85 -10.29 3.50
CA LYS B 92 -10.92 -8.87 3.83
C LYS B 92 -9.52 -8.25 3.95
N ILE B 93 -8.64 -8.91 4.68
CA ILE B 93 -7.31 -8.35 4.89
C ILE B 93 -6.38 -8.39 3.69
N ASP B 94 -6.64 -9.28 2.73
CA ASP B 94 -5.78 -9.37 1.54
C ASP B 94 -6.37 -8.61 0.35
N GLY B 95 -7.63 -8.23 0.48
CA GLY B 95 -8.34 -7.55 -0.60
C GLY B 95 -7.67 -6.41 -1.35
N ASP B 96 -7.00 -5.52 -0.65
CA ASP B 96 -6.36 -4.40 -1.30
C ASP B 96 -5.32 -4.80 -2.33
N SER B 97 -4.81 -6.02 -2.22
CA SER B 97 -3.78 -6.48 -3.17
C SER B 97 -4.36 -6.75 -4.56
N ALA B 98 -5.66 -6.59 -4.72
CA ALA B 98 -6.30 -6.82 -6.01
C ALA B 98 -6.47 -5.52 -6.78
N THR B 99 -6.18 -4.39 -6.13
CA THR B 99 -6.39 -3.09 -6.77
C THR B 99 -5.67 -2.88 -8.09
N ALA B 100 -4.41 -3.27 -8.20
CA ALA B 100 -3.70 -3.09 -9.46
C ALA B 100 -4.44 -3.82 -10.58
N ALA B 101 -4.84 -5.06 -10.32
CA ALA B 101 -5.56 -5.85 -11.31
C ALA B 101 -6.89 -5.21 -11.71
N VAL B 102 -7.63 -4.74 -10.72
CA VAL B 102 -8.92 -4.11 -11.00
C VAL B 102 -8.73 -2.82 -11.81
N CYS B 103 -7.69 -2.06 -11.50
CA CYS B 103 -7.42 -0.84 -12.22
C CYS B 103 -7.08 -1.12 -13.67
N LEU B 104 -6.23 -2.13 -13.88
CA LEU B 104 -5.83 -2.51 -15.22
C LEU B 104 -7.03 -3.00 -16.02
N ALA B 105 -7.95 -3.70 -15.36
CA ALA B 105 -9.14 -4.21 -16.04
C ALA B 105 -10.08 -3.07 -16.40
N ILE B 106 -10.18 -2.07 -15.52
CA ILE B 106 -11.03 -0.91 -15.79
C ILE B 106 -10.43 -0.13 -16.96
N ILE B 107 -9.12 0.11 -16.88
CA ILE B 107 -8.41 0.83 -17.92
C ILE B 107 -8.55 0.10 -19.26
N SER B 108 -8.45 -1.23 -19.21
CA SER B 108 -8.56 -2.06 -20.41
C SER B 108 -9.94 -1.92 -21.07
N ALA B 109 -10.98 -1.94 -20.26
CA ALA B 109 -12.35 -1.81 -20.77
C ALA B 109 -12.63 -0.38 -21.20
N LEU B 110 -12.16 0.57 -20.40
CA LEU B 110 -12.34 1.99 -20.67
C LEU B 110 -11.72 2.41 -22.01
N LEU B 111 -10.50 1.98 -22.26
CA LEU B 111 -9.79 2.32 -23.51
C LEU B 111 -9.93 1.24 -24.56
N ASP B 112 -10.72 0.22 -24.28
CA ASP B 112 -10.93 -0.89 -25.19
C ASP B 112 -9.62 -1.41 -25.78
N ILE B 113 -8.67 -1.69 -24.89
CA ILE B 113 -7.36 -2.23 -25.28
C ILE B 113 -7.30 -3.64 -24.73
N PRO B 114 -6.97 -4.64 -25.58
CA PRO B 114 -6.89 -6.02 -25.10
C PRO B 114 -5.78 -6.24 -24.08
N LEU B 115 -6.10 -7.03 -23.06
CA LEU B 115 -5.17 -7.34 -21.99
C LEU B 115 -4.64 -8.75 -22.22
N LYS B 116 -3.32 -8.91 -22.17
CA LYS B 116 -2.69 -10.21 -22.37
C LYS B 116 -3.18 -11.19 -21.31
N GLN B 117 -3.22 -12.48 -21.64
CA GLN B 117 -3.69 -13.48 -20.70
C GLN B 117 -2.60 -14.46 -20.26
N ASP B 118 -1.35 -14.11 -20.53
CA ASP B 118 -0.24 -14.99 -20.16
C ASP B 118 0.44 -14.58 -18.86
N PHE B 119 -0.28 -13.88 -17.99
CA PHE B 119 0.29 -13.46 -16.73
C PHE B 119 -0.79 -13.29 -15.69
N ALA B 120 -0.38 -13.28 -14.43
CA ALA B 120 -1.26 -13.08 -13.31
C ALA B 120 -0.55 -11.95 -12.57
N ILE B 121 -1.27 -11.20 -11.74
CA ILE B 121 -0.63 -10.09 -11.06
C ILE B 121 -1.17 -9.86 -9.66
N THR B 122 -0.33 -9.33 -8.79
CA THR B 122 -0.74 -8.98 -7.44
C THR B 122 -0.05 -7.67 -7.12
N GLY B 123 -0.74 -6.79 -6.41
CA GLY B 123 -0.17 -5.50 -6.06
C GLY B 123 -1.22 -4.42 -6.00
N SER B 124 -0.90 -3.32 -5.31
CA SER B 124 -1.84 -2.21 -5.23
C SER B 124 -1.22 -1.02 -5.96
N LEU B 125 -1.89 0.12 -5.92
CA LEU B 125 -1.38 1.30 -6.59
C LEU B 125 -1.77 2.54 -5.79
N ASP B 126 -1.02 3.62 -5.98
CA ASP B 126 -1.37 4.87 -5.32
C ASP B 126 -1.65 5.86 -6.43
N LEU B 127 -2.23 7.00 -6.11
CA LEU B 127 -2.58 8.00 -7.10
C LEU B 127 -1.43 8.43 -8.02
N SER B 128 -0.19 8.21 -7.59
CA SER B 128 0.96 8.60 -8.40
C SER B 128 1.35 7.54 -9.43
N GLY B 129 0.79 6.34 -9.28
CA GLY B 129 1.11 5.27 -10.21
C GLY B 129 2.13 4.30 -9.66
N ASN B 130 2.52 4.50 -8.40
CA ASN B 130 3.49 3.60 -7.77
C ASN B 130 2.80 2.28 -7.47
N VAL B 131 3.50 1.18 -7.69
CA VAL B 131 2.93 -0.12 -7.38
C VAL B 131 3.26 -0.36 -5.91
N LEU B 132 2.22 -0.63 -5.12
CA LEU B 132 2.38 -0.84 -3.69
C LEU B 132 2.52 -2.30 -3.28
N ALA B 133 3.23 -2.51 -2.17
CA ALA B 133 3.47 -3.83 -1.61
C ALA B 133 2.24 -4.61 -1.22
N ILE B 134 2.38 -5.93 -1.20
CA ILE B 134 1.30 -6.83 -0.83
C ILE B 134 1.84 -7.93 0.07
N GLY B 135 0.93 -8.74 0.60
CA GLY B 135 1.34 -9.83 1.46
C GLY B 135 1.10 -11.16 0.75
N GLY B 136 1.82 -12.19 1.18
CA GLY B 136 1.66 -13.52 0.59
C GLY B 136 2.13 -13.66 -0.85
N VAL B 137 3.21 -12.97 -1.20
CA VAL B 137 3.72 -13.04 -2.56
C VAL B 137 4.17 -14.45 -2.99
N ASN B 138 4.74 -15.23 -2.08
CA ASN B 138 5.19 -16.57 -2.46
C ASN B 138 4.00 -17.51 -2.72
N GLU B 139 2.96 -17.42 -1.89
CA GLU B 139 1.79 -18.26 -2.08
C GLU B 139 1.12 -17.90 -3.40
N LYS B 140 1.14 -16.60 -3.71
CA LYS B 140 0.53 -16.12 -4.95
C LYS B 140 1.32 -16.53 -6.18
N ILE B 141 2.65 -16.47 -6.09
CA ILE B 141 3.50 -16.88 -7.19
C ILE B 141 3.25 -18.35 -7.48
N GLU B 142 3.22 -19.18 -6.44
CA GLU B 142 2.99 -20.61 -6.64
C GLU B 142 1.64 -20.90 -7.30
N ALA B 143 0.61 -20.14 -6.95
CA ALA B 143 -0.72 -20.34 -7.54
C ALA B 143 -0.68 -20.02 -9.03
N ALA B 144 0.05 -18.96 -9.40
CA ALA B 144 0.18 -18.57 -10.79
C ALA B 144 0.86 -19.71 -11.55
N LYS B 145 1.90 -20.28 -10.96
CA LYS B 145 2.62 -21.39 -11.58
C LYS B 145 1.71 -22.59 -11.76
N ARG B 146 0.88 -22.85 -10.76
CA ARG B 146 -0.04 -23.98 -10.81
C ARG B 146 -1.01 -23.90 -11.99
N TYR B 147 -1.48 -22.70 -12.31
CA TYR B 147 -2.42 -22.54 -13.42
C TYR B 147 -1.70 -22.44 -14.75
N GLY B 148 -0.38 -22.54 -14.71
CA GLY B 148 0.40 -22.50 -15.93
C GLY B 148 0.68 -21.13 -16.56
N PHE B 149 0.60 -20.07 -15.77
CA PHE B 149 0.89 -18.74 -16.33
C PHE B 149 2.38 -18.63 -16.61
N LYS B 150 2.73 -18.05 -17.75
CA LYS B 150 4.12 -17.87 -18.12
C LYS B 150 4.81 -16.80 -17.28
N ARG B 151 4.02 -15.85 -16.80
CA ARG B 151 4.58 -14.74 -16.02
C ARG B 151 3.70 -14.32 -14.86
N VAL B 152 4.33 -13.78 -13.82
CA VAL B 152 3.62 -13.27 -12.67
C VAL B 152 4.25 -11.92 -12.33
N ILE B 153 3.41 -10.91 -12.18
CA ILE B 153 3.88 -9.56 -11.90
C ILE B 153 3.64 -9.23 -10.43
N ILE B 154 4.67 -8.74 -9.76
CA ILE B 154 4.57 -8.39 -8.35
C ILE B 154 5.23 -7.06 -8.07
N PRO B 155 4.94 -6.47 -6.91
CA PRO B 155 5.55 -5.18 -6.57
C PRO B 155 7.04 -5.31 -6.30
N GLU B 156 7.83 -4.40 -6.86
CA GLU B 156 9.28 -4.41 -6.66
C GLU B 156 9.57 -4.44 -5.16
N ALA B 157 8.70 -3.79 -4.38
CA ALA B 157 8.86 -3.74 -2.93
C ALA B 157 8.83 -5.14 -2.30
N ASN B 158 8.27 -6.11 -3.02
CA ASN B 158 8.18 -7.47 -2.52
C ASN B 158 9.22 -8.45 -3.04
N MSE B 159 10.10 -7.98 -3.92
CA MSE B 159 11.14 -8.86 -4.46
C MSE B 159 11.93 -9.50 -3.32
O MSE B 159 12.27 -10.69 -3.38
CB MSE B 159 12.11 -8.08 -5.36
CG MSE B 159 11.83 -8.20 -6.85
SE MSE B 159 11.78 -10.04 -7.51
CE MSE B 159 10.15 -9.93 -8.50
N ILE B 160 12.24 -8.72 -2.29
CA ILE B 160 13.00 -9.22 -1.15
C ILE B 160 12.32 -10.43 -0.49
N ASP B 161 10.99 -10.47 -0.56
CA ASP B 161 10.21 -11.56 0.02
C ASP B 161 10.19 -12.84 -0.80
N VAL B 162 10.44 -12.72 -2.10
CA VAL B 162 10.39 -13.88 -2.98
C VAL B 162 11.41 -14.97 -2.65
N ILE B 163 10.90 -16.18 -2.43
CA ILE B 163 11.77 -17.31 -2.16
C ILE B 163 12.21 -17.80 -3.53
N GLU B 164 13.51 -17.71 -3.81
CA GLU B 164 14.05 -18.12 -5.09
C GLU B 164 13.32 -19.36 -5.60
N THR B 165 12.76 -19.24 -6.80
CA THR B 165 12.03 -20.34 -7.39
C THR B 165 11.98 -20.19 -8.89
N GLU B 166 11.75 -21.29 -9.60
CA GLU B 166 11.69 -21.26 -11.04
C GLU B 166 10.37 -21.84 -11.52
N GLY B 167 10.24 -21.99 -12.83
CA GLY B 167 9.02 -22.52 -13.39
C GLY B 167 8.07 -21.43 -13.81
N ILE B 168 8.48 -20.19 -13.65
CA ILE B 168 7.67 -19.04 -14.03
C ILE B 168 8.54 -17.79 -14.06
N GLU B 169 8.15 -16.81 -14.86
CA GLU B 169 8.92 -15.58 -14.93
C GLU B 169 8.38 -14.60 -13.91
N ILE B 170 9.19 -14.29 -12.90
CA ILE B 170 8.78 -13.36 -11.86
C ILE B 170 9.23 -11.97 -12.30
N ILE B 171 8.27 -11.07 -12.47
CA ILE B 171 8.60 -9.72 -12.94
C ILE B 171 8.21 -8.64 -11.94
N PRO B 172 9.21 -8.02 -11.30
CA PRO B 172 8.94 -6.96 -10.32
C PRO B 172 8.69 -5.65 -11.06
N VAL B 173 7.73 -4.87 -10.57
CA VAL B 173 7.41 -3.58 -11.18
C VAL B 173 7.25 -2.54 -10.09
N LYS B 174 7.69 -1.32 -10.35
CA LYS B 174 7.56 -0.28 -9.33
C LYS B 174 6.52 0.77 -9.69
N THR B 175 6.09 0.79 -10.95
CA THR B 175 5.10 1.76 -11.40
C THR B 175 4.14 1.20 -12.43
N LEU B 176 2.97 1.83 -12.52
CA LEU B 176 1.96 1.43 -13.50
C LEU B 176 2.60 1.62 -14.87
N ASP B 177 3.53 2.58 -14.95
CA ASP B 177 4.24 2.87 -16.19
C ASP B 177 5.01 1.64 -16.67
N GLU B 178 5.64 0.92 -15.75
CA GLU B 178 6.39 -0.29 -16.12
C GLU B 178 5.47 -1.45 -16.47
N ILE B 179 4.28 -1.44 -15.87
CA ILE B 179 3.31 -2.50 -16.10
C ILE B 179 2.70 -2.45 -17.51
N VAL B 180 2.25 -1.27 -17.91
CA VAL B 180 1.61 -1.08 -19.21
C VAL B 180 2.17 -1.90 -20.37
N PRO B 181 3.46 -1.73 -20.70
CA PRO B 181 4.09 -2.47 -21.80
C PRO B 181 4.11 -3.98 -21.58
N LEU B 182 3.89 -4.40 -20.34
CA LEU B 182 3.91 -5.81 -20.01
C LEU B 182 2.58 -6.51 -20.17
N VAL B 183 1.50 -5.80 -19.87
CA VAL B 183 0.17 -6.38 -19.92
C VAL B 183 -0.72 -5.96 -21.09
N PHE B 184 -0.41 -4.86 -21.74
CA PHE B 184 -1.25 -4.40 -22.84
C PHE B 184 -0.74 -4.75 -24.24
N ASP B 185 -1.71 -5.09 -25.09
CA ASP B 185 -1.43 -5.43 -26.47
C ASP B 185 -1.68 -4.14 -27.26
N LEU B 186 -0.62 -3.38 -27.47
CA LEU B 186 -0.70 -2.11 -28.18
C LEU B 186 -0.54 -2.29 -29.69
N ASP B 187 -0.71 -3.52 -30.17
CA ASP B 187 -0.57 -3.81 -31.59
C ASP B 187 -1.93 -3.87 -32.27
S SO4 C . 13.96 13.68 -2.78
O1 SO4 C . 13.32 12.75 -3.74
O2 SO4 C . 12.95 14.64 -2.29
O3 SO4 C . 14.51 12.93 -1.65
O4 SO4 C . 15.04 14.41 -3.46
S SO4 D . -14.64 -14.34 -21.44
O1 SO4 D . -13.68 -14.70 -20.39
O2 SO4 D . -15.87 -15.14 -21.27
O3 SO4 D . -14.97 -12.91 -21.33
O4 SO4 D . -14.04 -14.62 -22.77
S SO4 E . -12.65 -13.41 5.28
O1 SO4 E . -12.02 -12.12 5.58
O2 SO4 E . -11.62 -14.45 5.05
O3 SO4 E . -13.51 -13.81 6.41
O4 SO4 E . -13.47 -13.27 4.06
O1 MES F . -5.87 -19.53 -17.37
C2 MES F . -5.69 -18.35 -18.18
C3 MES F . -4.68 -18.60 -19.30
N4 MES F . -3.41 -19.06 -18.72
C5 MES F . -3.59 -20.25 -17.90
C6 MES F . -4.63 -20.01 -16.82
C7 MES F . -2.41 -19.30 -19.76
C8 MES F . -1.14 -18.55 -19.49
S MES F . 0.12 -18.88 -20.66
O1S MES F . 0.31 -20.32 -20.68
O2S MES F . 1.30 -18.20 -20.20
O3S MES F . -0.36 -18.39 -21.96
#